data_2FXS
#
_entry.id   2FXS
#
_cell.length_a   74.205
_cell.length_b   74.205
_cell.length_c   110.852
_cell.angle_alpha   90.00
_cell.angle_beta   90.00
_cell.angle_gamma   90.00
#
_symmetry.space_group_name_H-M   'P 43 2 2'
#
loop_
_entity.id
_entity.type
_entity.pdbx_description
1 polymer 'ATP-dependent molecular chaperone HSP82'
2 non-polymer 'METHYL 3-CHLORO-2-{3-[(2,5-DIHYDROXY-4-METHOXYPHENYL)AMINO]-3-OXOPROPYL}-4,6-DIHYDROXYBENZOATE'
3 non-polymer GLYCEROL
4 water water
#
_entity_poly.entity_id   1
_entity_poly.type   'polypeptide(L)'
_entity_poly.pdbx_seq_one_letter_code
;MGSSHHHHHHSSGLVPRGSHMASETFEFQAEITQLMSLIINTVYSNKEIFLRELISNASDALDKIRYKSLSDPKQLETEP
DLFIRITPKPEQKVLEIRDSGIGMTKAELINNLGTIAKSGTKAFMEALSAGADVSMIGQFGVGFYSLFLVADRVQVISKS
NDDEQYIWESNAGGSFTVTLDEVNERIGRGTILRLFLKDDQLEYLEEKRIKEVIKRHSEFVAYPIQLVVTKEVEKEVPIP
;
_entity_poly.pdbx_strand_id   A
#
# COMPACT_ATOMS: atom_id res chain seq x y z
N ALA A 22 -13.60 -7.11 18.03
CA ALA A 22 -12.61 -6.36 18.86
C ALA A 22 -11.31 -6.15 18.08
N SER A 23 -10.82 -4.91 18.08
CA SER A 23 -9.60 -4.59 17.37
C SER A 23 -8.49 -4.24 18.35
N GLU A 24 -7.28 -4.76 18.10
CA GLU A 24 -6.15 -4.46 18.97
C GLU A 24 -5.45 -3.20 18.48
N THR A 25 -4.94 -2.42 19.42
CA THR A 25 -4.25 -1.19 19.11
C THR A 25 -2.77 -1.33 19.43
N PHE A 26 -1.92 -0.80 18.56
CA PHE A 26 -0.47 -0.85 18.74
C PHE A 26 0.16 0.51 18.45
N GLU A 27 1.32 0.77 19.06
N GLU A 27 1.32 0.77 19.06
N GLU A 27 1.32 0.76 19.06
CA GLU A 27 2.00 2.04 18.84
CA GLU A 27 2.00 2.03 18.85
CA GLU A 27 2.02 2.02 18.84
C GLU A 27 3.08 1.88 17.77
C GLU A 27 3.09 1.88 17.78
C GLU A 27 3.09 1.87 17.76
N PHE A 28 3.26 2.91 16.95
CA PHE A 28 4.25 2.91 15.90
C PHE A 28 5.60 3.15 16.57
N GLN A 29 6.67 2.66 15.94
CA GLN A 29 8.01 2.90 16.46
C GLN A 29 8.11 4.43 16.31
N ALA A 30 8.76 5.07 17.28
CA ALA A 30 8.90 6.54 17.28
C ALA A 30 9.26 7.23 15.96
N GLU A 31 10.28 6.73 15.28
CA GLU A 31 10.70 7.33 14.01
C GLU A 31 9.67 7.23 12.88
N ILE A 32 8.86 6.17 12.89
CA ILE A 32 7.85 6.00 11.86
C ILE A 32 6.75 7.05 12.01
N THR A 33 6.37 7.33 13.26
CA THR A 33 5.35 8.33 13.53
C THR A 33 5.88 9.68 13.01
N GLN A 34 7.16 9.93 13.27
N GLN A 34 7.16 9.94 13.26
CA GLN A 34 7.83 11.15 12.83
CA GLN A 34 7.80 11.17 12.83
C GLN A 34 7.76 11.29 11.31
C GLN A 34 7.75 11.30 11.30
N LEU A 35 8.10 10.20 10.61
CA LEU A 35 8.09 10.21 9.15
C LEU A 35 6.69 10.50 8.60
N MET A 36 5.67 9.85 9.16
CA MET A 36 4.30 10.06 8.67
C MET A 36 3.85 11.50 8.87
N SER A 37 4.08 12.05 10.05
CA SER A 37 3.68 13.42 10.32
C SER A 37 4.35 14.33 9.29
N LEU A 38 5.62 14.07 9.04
CA LEU A 38 6.40 14.84 8.08
C LEU A 38 5.75 14.76 6.69
N ILE A 39 5.55 13.54 6.20
CA ILE A 39 4.96 13.31 4.89
C ILE A 39 3.55 13.85 4.68
N ILE A 40 2.66 13.63 5.65
CA ILE A 40 1.26 14.06 5.47
C ILE A 40 1.11 15.59 5.45
N ASN A 41 2.11 16.30 5.98
CA ASN A 41 2.06 17.76 6.01
C ASN A 41 3.02 18.43 5.01
N THR A 42 3.72 17.65 4.20
CA THR A 42 4.66 18.24 3.25
C THR A 42 4.00 19.01 2.10
N VAL A 43 4.76 19.96 1.56
CA VAL A 43 4.34 20.83 0.46
C VAL A 43 4.66 20.26 -0.94
N TYR A 44 5.45 19.19 -0.97
CA TYR A 44 5.89 18.53 -2.20
C TYR A 44 4.89 18.61 -3.37
N SER A 45 5.44 18.84 -4.57
CA SER A 45 4.64 18.96 -5.79
C SER A 45 4.50 17.76 -6.73
N ASN A 46 5.29 16.70 -6.51
CA ASN A 46 5.23 15.52 -7.35
C ASN A 46 4.68 14.36 -6.53
N LYS A 47 3.50 14.56 -5.95
CA LYS A 47 2.85 13.53 -5.12
C LYS A 47 2.45 12.22 -5.83
N GLU A 48 2.38 12.25 -7.17
CA GLU A 48 2.00 11.07 -7.94
C GLU A 48 2.94 9.88 -7.73
N ILE A 49 4.15 10.12 -7.26
CA ILE A 49 5.08 9.03 -7.08
C ILE A 49 4.57 8.00 -6.07
N PHE A 50 3.56 8.39 -5.29
CA PHE A 50 3.01 7.46 -4.30
C PHE A 50 2.50 6.19 -5.00
N LEU A 51 1.90 6.35 -6.19
CA LEU A 51 1.37 5.20 -6.91
C LEU A 51 2.48 4.31 -7.43
N ARG A 52 3.60 4.92 -7.82
CA ARG A 52 4.73 4.14 -8.29
C ARG A 52 5.20 3.24 -7.15
N GLU A 53 5.31 3.81 -5.96
CA GLU A 53 5.76 3.06 -4.78
C GLU A 53 4.81 1.90 -4.44
N LEU A 54 3.51 2.16 -4.45
CA LEU A 54 2.55 1.11 -4.11
C LEU A 54 2.53 0.02 -5.18
N ILE A 55 2.72 0.40 -6.44
CA ILE A 55 2.76 -0.59 -7.50
C ILE A 55 4.02 -1.43 -7.33
N SER A 56 5.12 -0.77 -6.97
N SER A 56 5.12 -0.77 -6.97
CA SER A 56 6.39 -1.47 -6.77
CA SER A 56 6.40 -1.48 -6.77
C SER A 56 6.25 -2.48 -5.63
C SER A 56 6.26 -2.48 -5.63
N ASN A 57 5.64 -2.06 -4.52
CA ASN A 57 5.45 -2.94 -3.37
C ASN A 57 4.57 -4.12 -3.76
N ALA A 58 3.54 -3.86 -4.58
CA ALA A 58 2.64 -4.91 -5.02
C ALA A 58 3.44 -5.93 -5.82
N SER A 59 4.26 -5.44 -6.75
CA SER A 59 5.07 -6.30 -7.59
C SER A 59 6.01 -7.17 -6.75
N ASP A 60 6.60 -6.57 -5.71
CA ASP A 60 7.50 -7.35 -4.85
C ASP A 60 6.77 -8.44 -4.10
N ALA A 61 5.53 -8.18 -3.69
CA ALA A 61 4.75 -9.18 -2.97
C ALA A 61 4.38 -10.30 -3.94
N LEU A 62 4.13 -9.93 -5.19
CA LEU A 62 3.80 -10.91 -6.22
C LEU A 62 5.03 -11.77 -6.53
N ASP A 63 6.20 -11.15 -6.57
CA ASP A 63 7.44 -11.89 -6.83
C ASP A 63 7.64 -12.93 -5.74
N LYS A 64 7.34 -12.54 -4.51
CA LYS A 64 7.51 -13.44 -3.38
C LYS A 64 6.65 -14.70 -3.42
N ILE A 65 5.37 -14.55 -3.75
CA ILE A 65 4.52 -15.73 -3.80
C ILE A 65 4.89 -16.58 -5.01
N ARG A 66 5.33 -15.91 -6.09
CA ARG A 66 5.73 -16.61 -7.30
C ARG A 66 7.00 -17.43 -7.02
N TYR A 67 7.97 -16.79 -6.39
CA TYR A 67 9.22 -17.46 -6.06
C TYR A 67 8.97 -18.61 -5.10
N LYS A 68 8.10 -18.37 -4.13
CA LYS A 68 7.78 -19.38 -3.13
C LYS A 68 7.09 -20.59 -3.76
N SER A 69 6.25 -20.33 -4.76
N SER A 69 6.24 -20.33 -4.75
CA SER A 69 5.51 -21.40 -5.43
CA SER A 69 5.51 -21.41 -5.42
C SER A 69 6.42 -22.36 -6.19
C SER A 69 6.42 -22.36 -6.19
N LEU A 70 7.67 -21.96 -6.39
CA LEU A 70 8.64 -22.79 -7.11
C LEU A 70 8.84 -24.14 -6.42
N SER A 71 8.88 -24.12 -5.09
CA SER A 71 9.08 -25.35 -4.32
C SER A 71 7.79 -25.79 -3.61
N ASP A 72 6.70 -25.07 -3.87
CA ASP A 72 5.42 -25.40 -3.29
C ASP A 72 4.33 -24.73 -4.14
N PRO A 73 4.06 -25.30 -5.32
CA PRO A 73 3.07 -24.80 -6.26
C PRO A 73 1.65 -24.60 -5.72
N LYS A 74 1.26 -25.39 -4.73
CA LYS A 74 -0.08 -25.29 -4.15
C LYS A 74 -0.35 -23.90 -3.56
N GLN A 75 0.72 -23.19 -3.19
CA GLN A 75 0.60 -21.85 -2.61
C GLN A 75 -0.17 -20.92 -3.54
N LEU A 76 -0.18 -21.25 -4.83
N LEU A 76 -0.17 -21.24 -4.84
CA LEU A 76 -0.86 -20.43 -5.82
CA LEU A 76 -0.87 -20.42 -5.84
C LEU A 76 -2.36 -20.73 -5.95
C LEU A 76 -2.36 -20.73 -5.95
N GLU A 77 -2.75 -21.95 -5.58
CA GLU A 77 -4.14 -22.35 -5.67
C GLU A 77 -5.17 -21.45 -4.99
N THR A 78 -4.78 -20.69 -3.98
CA THR A 78 -5.72 -19.81 -3.30
C THR A 78 -6.12 -18.63 -4.18
N GLU A 79 -5.32 -18.37 -5.21
CA GLU A 79 -5.56 -17.29 -6.16
C GLU A 79 -4.60 -17.47 -7.31
N PRO A 80 -4.95 -18.33 -8.27
CA PRO A 80 -4.16 -18.67 -9.47
C PRO A 80 -3.60 -17.48 -10.27
N ASP A 81 -4.37 -16.41 -10.39
CA ASP A 81 -3.90 -15.27 -11.16
C ASP A 81 -3.06 -14.28 -10.39
N LEU A 82 -1.95 -13.87 -11.02
CA LEU A 82 -1.03 -12.90 -10.43
C LEU A 82 -1.29 -11.56 -11.12
N PHE A 83 -1.76 -10.58 -10.34
CA PHE A 83 -2.09 -9.29 -10.91
C PHE A 83 -2.06 -8.16 -9.89
N ILE A 84 -2.14 -6.94 -10.42
CA ILE A 84 -2.21 -5.72 -9.63
C ILE A 84 -3.49 -5.07 -10.17
N ARG A 85 -4.40 -4.68 -9.28
CA ARG A 85 -5.67 -4.08 -9.70
C ARG A 85 -5.93 -2.79 -8.94
N ILE A 86 -6.24 -1.74 -9.68
CA ILE A 86 -6.50 -0.44 -9.09
C ILE A 86 -7.98 -0.11 -9.24
N THR A 87 -8.65 0.16 -8.13
CA THR A 87 -10.08 0.46 -8.17
C THR A 87 -10.47 1.77 -7.51
N PRO A 88 -10.84 2.77 -8.33
CA PRO A 88 -11.25 4.07 -7.77
C PRO A 88 -12.69 3.92 -7.26
N LYS A 89 -12.97 4.49 -6.08
CA LYS A 89 -14.31 4.46 -5.51
C LYS A 89 -14.63 5.93 -5.16
N PRO A 90 -14.89 6.74 -6.20
N PRO A 90 -14.89 6.74 -6.19
CA PRO A 90 -15.20 8.18 -6.06
CA PRO A 90 -15.21 8.17 -6.09
C PRO A 90 -16.23 8.54 -5.00
C PRO A 90 -16.23 8.54 -5.02
N GLU A 91 -17.36 7.84 -4.99
CA GLU A 91 -18.41 8.11 -4.01
C GLU A 91 -17.89 8.10 -2.58
N GLN A 92 -16.80 7.40 -2.35
CA GLN A 92 -16.21 7.30 -1.02
C GLN A 92 -14.88 8.05 -0.96
N LYS A 93 -14.45 8.61 -2.09
CA LYS A 93 -13.17 9.31 -2.16
C LYS A 93 -12.07 8.33 -1.71
N VAL A 94 -12.17 7.11 -2.22
CA VAL A 94 -11.23 6.04 -1.91
C VAL A 94 -10.57 5.49 -3.17
N LEU A 95 -9.29 5.14 -3.04
CA LEU A 95 -8.55 4.53 -4.14
C LEU A 95 -7.96 3.23 -3.61
N GLU A 96 -8.27 2.12 -4.27
CA GLU A 96 -7.75 0.83 -3.82
C GLU A 96 -6.69 0.26 -4.75
N ILE A 97 -5.60 -0.20 -4.17
CA ILE A 97 -4.54 -0.83 -4.94
C ILE A 97 -4.43 -2.25 -4.40
N ARG A 98 -4.79 -3.22 -5.22
CA ARG A 98 -4.78 -4.62 -4.82
C ARG A 98 -3.78 -5.46 -5.61
N ASP A 99 -3.29 -6.51 -4.96
CA ASP A 99 -2.36 -7.45 -5.60
C ASP A 99 -2.66 -8.85 -5.06
N SER A 100 -2.37 -9.87 -5.86
CA SER A 100 -2.58 -11.24 -5.42
C SER A 100 -1.22 -11.84 -5.03
N GLY A 101 -0.43 -11.03 -4.33
CA GLY A 101 0.88 -11.45 -3.88
C GLY A 101 0.82 -12.35 -2.65
N ILE A 102 1.93 -12.44 -1.95
CA ILE A 102 2.05 -13.31 -0.78
C ILE A 102 1.14 -12.97 0.40
N GLY A 103 0.75 -11.70 0.52
CA GLY A 103 -0.11 -11.32 1.63
C GLY A 103 0.64 -11.33 2.95
N MET A 104 -0.02 -10.84 4.01
CA MET A 104 0.60 -10.76 5.33
C MET A 104 -0.32 -11.32 6.42
N THR A 105 0.24 -12.11 7.33
CA THR A 105 -0.53 -12.65 8.44
C THR A 105 -0.68 -11.52 9.45
N LYS A 106 -1.47 -11.75 10.49
CA LYS A 106 -1.66 -10.73 11.52
C LYS A 106 -0.31 -10.28 12.09
N ALA A 107 0.54 -11.25 12.41
CA ALA A 107 1.84 -10.96 12.98
C ALA A 107 2.69 -10.11 12.03
N GLU A 108 2.64 -10.43 10.74
CA GLU A 108 3.41 -9.68 9.75
C GLU A 108 2.92 -8.24 9.61
N LEU A 109 1.62 -8.04 9.66
CA LEU A 109 1.06 -6.69 9.55
C LEU A 109 1.63 -5.84 10.68
N ILE A 110 1.54 -6.36 11.91
CA ILE A 110 2.04 -5.66 13.08
C ILE A 110 3.54 -5.38 12.98
N ASN A 111 4.28 -6.39 12.54
CA ASN A 111 5.73 -6.32 12.38
C ASN A 111 6.19 -5.42 11.24
N ASN A 112 5.73 -5.71 10.02
CA ASN A 112 6.13 -4.95 8.84
C ASN A 112 5.62 -3.53 8.74
N LEU A 113 4.41 -3.28 9.24
CA LEU A 113 3.83 -1.96 9.12
C LEU A 113 3.81 -1.05 10.34
N GLY A 114 4.85 -1.05 11.16
CA GLY A 114 4.80 -0.12 12.28
C GLY A 114 5.54 -0.32 13.59
N THR A 115 5.52 -1.52 14.15
CA THR A 115 6.17 -1.73 15.45
C THR A 115 7.69 -1.91 15.42
N ILE A 116 8.20 -2.51 14.34
CA ILE A 116 9.64 -2.73 14.24
C ILE A 116 10.31 -1.56 13.53
N ALA A 117 11.45 -1.12 14.07
CA ALA A 117 12.19 -0.01 13.49
C ALA A 117 12.67 -0.39 12.10
N LYS A 118 12.67 0.60 11.21
CA LYS A 118 13.12 0.36 9.85
C LYS A 118 14.43 1.08 9.60
N SER A 119 15.35 0.37 8.96
CA SER A 119 16.68 0.91 8.68
C SER A 119 16.75 2.35 8.14
N GLY A 120 15.76 2.75 7.34
CA GLY A 120 15.95 4.02 6.69
C GLY A 120 15.09 5.19 7.05
N THR A 121 14.19 4.95 7.99
CA THR A 121 13.27 5.97 8.44
C THR A 121 14.04 7.25 8.80
N LYS A 122 14.97 7.16 9.75
CA LYS A 122 15.75 8.31 10.18
C LYS A 122 16.65 8.87 9.07
N ALA A 123 17.30 7.97 8.33
CA ALA A 123 18.19 8.38 7.25
C ALA A 123 17.42 9.13 6.15
N PHE A 124 16.24 8.64 5.80
CA PHE A 124 15.44 9.30 4.77
C PHE A 124 15.05 10.70 5.23
N MET A 125 14.60 10.81 6.48
CA MET A 125 14.21 12.10 7.02
C MET A 125 15.37 13.09 7.02
N GLU A 126 16.56 12.62 7.35
CA GLU A 126 17.73 13.50 7.36
C GLU A 126 18.06 13.89 5.92
N ALA A 127 17.82 12.97 4.99
CA ALA A 127 18.08 13.24 3.58
C ALA A 127 17.12 14.33 3.10
N LEU A 128 15.86 14.25 3.53
CA LEU A 128 14.88 15.26 3.17
C LEU A 128 15.29 16.61 3.72
N SER A 129 15.78 16.61 4.96
CA SER A 129 16.22 17.84 5.59
C SER A 129 17.36 18.50 4.80
N ALA A 130 18.16 17.67 4.13
CA ALA A 130 19.29 18.17 3.35
C ALA A 130 18.88 18.62 1.96
N GLY A 131 17.62 18.36 1.59
CA GLY A 131 17.13 18.77 0.27
C GLY A 131 16.77 17.64 -0.68
N ALA A 132 16.92 16.40 -0.22
CA ALA A 132 16.60 15.24 -1.06
C ALA A 132 15.16 15.29 -1.55
N ASP A 133 14.95 14.76 -2.75
CA ASP A 133 13.62 14.71 -3.37
C ASP A 133 12.81 13.61 -2.66
N VAL A 134 11.57 13.91 -2.29
CA VAL A 134 10.72 12.93 -1.63
C VAL A 134 10.62 11.65 -2.46
N SER A 135 10.91 11.76 -3.75
CA SER A 135 10.88 10.62 -4.67
C SER A 135 11.89 9.52 -4.30
N MET A 136 12.87 9.88 -3.49
N MET A 136 12.89 9.87 -3.50
CA MET A 136 13.91 8.94 -3.07
CA MET A 136 13.89 8.89 -3.10
C MET A 136 13.41 8.00 -1.97
C MET A 136 13.38 7.95 -2.01
N ILE A 137 12.24 8.29 -1.43
CA ILE A 137 11.66 7.49 -0.35
C ILE A 137 11.77 5.97 -0.58
N GLY A 138 11.47 5.51 -1.78
CA GLY A 138 11.55 4.09 -2.08
C GLY A 138 12.92 3.47 -1.91
N GLN A 139 13.97 4.23 -2.24
CA GLN A 139 15.33 3.73 -2.12
C GLN A 139 15.77 3.57 -0.66
N PHE A 140 15.02 4.18 0.26
CA PHE A 140 15.33 4.08 1.69
C PHE A 140 14.48 2.99 2.34
N GLY A 141 13.75 2.23 1.51
CA GLY A 141 12.93 1.15 1.99
C GLY A 141 11.67 1.51 2.75
N VAL A 142 11.22 2.76 2.65
CA VAL A 142 10.01 3.17 3.36
C VAL A 142 8.98 3.81 2.43
N GLY A 143 8.99 3.40 1.17
CA GLY A 143 8.06 3.96 0.19
C GLY A 143 6.58 3.84 0.54
N PHE A 144 6.22 2.82 1.30
CA PHE A 144 4.83 2.61 1.71
C PHE A 144 4.20 3.88 2.26
N TYR A 145 4.94 4.59 3.11
CA TYR A 145 4.46 5.79 3.75
C TYR A 145 4.21 6.98 2.83
N SER A 146 4.65 6.87 1.57
CA SER A 146 4.42 7.95 0.62
C SER A 146 2.94 8.09 0.35
N LEU A 147 2.16 7.09 0.78
CA LEU A 147 0.72 7.14 0.57
C LEU A 147 0.13 8.34 1.29
N PHE A 148 0.75 8.76 2.39
CA PHE A 148 0.24 9.89 3.14
C PHE A 148 0.39 11.22 2.40
N LEU A 149 1.04 11.19 1.24
CA LEU A 149 1.17 12.39 0.43
C LEU A 149 -0.21 12.74 -0.11
N VAL A 150 -1.01 11.71 -0.44
CA VAL A 150 -2.34 11.94 -1.00
C VAL A 150 -3.52 11.48 -0.14
N ALA A 151 -3.24 10.72 0.91
CA ALA A 151 -4.31 10.22 1.80
C ALA A 151 -4.02 10.54 3.26
N ASP A 152 -5.07 10.71 4.05
CA ASP A 152 -4.92 11.00 5.47
C ASP A 152 -5.37 9.81 6.31
N ARG A 153 -5.69 8.70 5.62
CA ARG A 153 -6.14 7.49 6.29
C ARG A 153 -5.95 6.30 5.35
N VAL A 154 -5.55 5.16 5.91
CA VAL A 154 -5.35 3.97 5.09
C VAL A 154 -5.68 2.68 5.81
N GLN A 155 -6.27 1.76 5.06
CA GLN A 155 -6.58 0.45 5.58
C GLN A 155 -5.81 -0.53 4.72
N VAL A 156 -5.05 -1.42 5.36
CA VAL A 156 -4.34 -2.44 4.62
C VAL A 156 -5.07 -3.74 4.94
N ILE A 157 -5.75 -4.28 3.93
CA ILE A 157 -6.52 -5.51 4.08
C ILE A 157 -5.66 -6.61 3.48
N SER A 158 -5.35 -7.64 4.26
CA SER A 158 -4.47 -8.68 3.75
C SER A 158 -4.83 -10.09 4.13
N LYS A 159 -4.61 -11.00 3.19
CA LYS A 159 -4.88 -12.41 3.39
C LYS A 159 -3.67 -13.22 2.95
N SER A 160 -3.01 -13.84 3.91
CA SER A 160 -1.85 -14.69 3.65
C SER A 160 -2.41 -16.10 3.71
N ASN A 161 -1.82 -17.04 2.98
CA ASN A 161 -2.31 -18.42 3.02
C ASN A 161 -2.18 -18.96 4.44
N ASP A 162 -1.28 -18.39 5.22
CA ASP A 162 -1.04 -18.85 6.58
C ASP A 162 -1.86 -18.24 7.70
N ASP A 163 -2.85 -17.41 7.38
CA ASP A 163 -3.66 -16.78 8.42
C ASP A 163 -5.02 -16.32 7.89
N GLU A 164 -5.84 -15.78 8.77
CA GLU A 164 -7.16 -15.28 8.38
C GLU A 164 -6.95 -13.92 7.75
N GLN A 165 -8.01 -13.33 7.21
CA GLN A 165 -7.91 -12.01 6.61
C GLN A 165 -7.98 -10.97 7.73
N TYR A 166 -7.07 -9.99 7.69
CA TYR A 166 -7.03 -8.94 8.71
C TYR A 166 -6.99 -7.53 8.14
N ILE A 167 -7.36 -6.57 8.97
CA ILE A 167 -7.37 -5.16 8.59
C ILE A 167 -6.44 -4.36 9.51
N TRP A 168 -5.46 -3.71 8.91
CA TRP A 168 -4.50 -2.86 9.62
C TRP A 168 -4.96 -1.46 9.22
N GLU A 169 -5.09 -0.54 10.18
CA GLU A 169 -5.56 0.80 9.84
C GLU A 169 -4.79 1.89 10.56
N SER A 170 -4.53 2.98 9.83
CA SER A 170 -3.80 4.12 10.38
C SER A 170 -4.25 5.47 9.81
N ASN A 171 -4.15 6.50 10.63
CA ASN A 171 -4.51 7.86 10.23
C ASN A 171 -3.29 8.77 10.43
N ALA A 172 -2.10 8.19 10.30
CA ALA A 172 -0.85 8.91 10.45
C ALA A 172 -0.53 9.27 11.91
N GLY A 173 -1.39 8.81 12.82
CA GLY A 173 -1.19 9.09 14.22
C GLY A 173 -0.19 8.12 14.85
N GLY A 174 0.07 8.29 16.14
CA GLY A 174 1.03 7.45 16.84
C GLY A 174 0.68 5.98 17.01
N SER A 175 -0.55 5.60 16.69
CA SER A 175 -0.94 4.20 16.84
C SER A 175 -1.81 3.72 15.68
N PHE A 176 -1.86 2.39 15.52
CA PHE A 176 -2.66 1.78 14.46
C PHE A 176 -3.44 0.61 15.04
N THR A 177 -4.44 0.15 14.29
CA THR A 177 -5.24 -0.97 14.74
C THR A 177 -5.16 -2.15 13.79
N VAL A 178 -5.39 -3.34 14.33
CA VAL A 178 -5.40 -4.57 13.54
C VAL A 178 -6.67 -5.28 13.99
N THR A 179 -7.51 -5.64 13.02
CA THR A 179 -8.79 -6.26 13.32
C THR A 179 -9.10 -7.43 12.38
N LEU A 180 -9.64 -8.51 12.94
CA LEU A 180 -10.02 -9.66 12.14
C LEU A 180 -11.06 -9.11 11.15
N ASP A 181 -10.89 -9.43 9.88
CA ASP A 181 -11.78 -8.90 8.85
C ASP A 181 -13.10 -9.65 8.67
N GLU A 182 -14.19 -9.03 9.07
CA GLU A 182 -15.52 -9.62 8.91
C GLU A 182 -16.41 -8.62 8.18
N VAL A 183 -15.80 -7.66 7.50
CA VAL A 183 -16.57 -6.63 6.80
C VAL A 183 -16.21 -6.37 5.34
N ASN A 184 -15.08 -6.89 4.87
CA ASN A 184 -14.68 -6.66 3.48
C ASN A 184 -14.81 -7.87 2.58
N GLU A 185 -14.75 -7.63 1.27
CA GLU A 185 -14.85 -8.72 0.31
C GLU A 185 -13.70 -9.68 0.60
N ARG A 186 -13.95 -10.97 0.38
CA ARG A 186 -12.91 -11.96 0.62
C ARG A 186 -11.83 -11.85 -0.42
N ILE A 187 -10.59 -11.84 0.04
N ILE A 187 -10.58 -11.80 0.02
CA ILE A 187 -9.44 -11.78 -0.84
CA ILE A 187 -9.48 -11.76 -0.93
C ILE A 187 -8.96 -13.23 -0.88
C ILE A 187 -8.94 -13.19 -0.91
N GLY A 188 -8.77 -13.78 -2.08
CA GLY A 188 -8.27 -15.15 -2.16
C GLY A 188 -6.92 -15.21 -1.45
N ARG A 189 -6.03 -14.32 -1.87
CA ARG A 189 -4.70 -14.21 -1.32
C ARG A 189 -4.19 -12.86 -1.79
N GLY A 190 -3.50 -12.14 -0.91
CA GLY A 190 -2.98 -10.86 -1.33
C GLY A 190 -3.28 -9.73 -0.38
N THR A 191 -3.11 -8.52 -0.88
CA THR A 191 -3.29 -7.33 -0.08
C THR A 191 -4.00 -6.21 -0.83
N ILE A 192 -4.80 -5.45 -0.09
CA ILE A 192 -5.50 -4.31 -0.65
C ILE A 192 -5.12 -3.09 0.19
N LEU A 193 -4.62 -2.06 -0.47
CA LEU A 193 -4.31 -0.82 0.23
C LEU A 193 -5.51 0.05 -0.13
N ARG A 194 -6.31 0.38 0.88
CA ARG A 194 -7.49 1.22 0.70
C ARG A 194 -7.12 2.62 1.18
N LEU A 195 -6.90 3.53 0.24
CA LEU A 195 -6.51 4.88 0.57
C LEU A 195 -7.71 5.83 0.59
N PHE A 196 -7.85 6.58 1.68
CA PHE A 196 -8.92 7.57 1.80
C PHE A 196 -8.24 8.89 1.44
N LEU A 197 -8.39 9.27 0.18
CA LEU A 197 -7.77 10.48 -0.37
C LEU A 197 -8.15 11.81 0.28
N LYS A 198 -7.18 12.72 0.35
CA LYS A 198 -7.40 14.05 0.90
C LYS A 198 -8.30 14.75 -0.13
N ASP A 199 -9.03 15.77 0.30
CA ASP A 199 -9.93 16.50 -0.60
C ASP A 199 -9.28 17.18 -1.81
N ASP A 200 -8.00 17.51 -1.70
CA ASP A 200 -7.31 18.18 -2.81
C ASP A 200 -6.54 17.22 -3.71
N GLN A 201 -6.71 15.91 -3.47
CA GLN A 201 -6.00 14.92 -4.28
C GLN A 201 -6.96 13.94 -4.95
N LEU A 202 -8.19 14.38 -5.21
CA LEU A 202 -9.19 13.50 -5.82
C LEU A 202 -8.93 13.21 -7.29
N GLU A 203 -7.91 13.82 -7.86
CA GLU A 203 -7.57 13.60 -9.26
C GLU A 203 -7.15 12.15 -9.51
N TYR A 204 -6.65 11.50 -8.46
CA TYR A 204 -6.21 10.12 -8.59
C TYR A 204 -7.37 9.11 -8.64
N LEU A 205 -8.59 9.63 -8.71
CA LEU A 205 -9.79 8.81 -8.82
C LEU A 205 -10.17 8.73 -10.30
N GLU A 206 -9.55 9.59 -11.09
CA GLU A 206 -9.81 9.69 -12.54
C GLU A 206 -9.00 8.73 -13.40
N GLU A 207 -9.69 7.97 -14.25
CA GLU A 207 -9.06 7.01 -15.14
C GLU A 207 -7.92 7.58 -15.96
N LYS A 208 -8.13 8.76 -16.55
CA LYS A 208 -7.11 9.41 -17.36
C LYS A 208 -5.83 9.64 -16.55
N ARG A 209 -5.98 10.32 -15.42
CA ARG A 209 -4.83 10.62 -14.54
C ARG A 209 -4.09 9.36 -14.13
N ILE A 210 -4.83 8.37 -13.63
CA ILE A 210 -4.23 7.10 -13.19
C ILE A 210 -3.38 6.46 -14.29
N LYS A 211 -3.92 6.42 -15.52
CA LYS A 211 -3.19 5.82 -16.62
C LYS A 211 -1.86 6.51 -16.91
N GLU A 212 -1.86 7.84 -16.91
CA GLU A 212 -0.62 8.56 -17.19
C GLU A 212 0.44 8.34 -16.12
N VAL A 213 0.01 8.30 -14.85
CA VAL A 213 0.95 8.08 -13.76
C VAL A 213 1.59 6.70 -13.90
N ILE A 214 0.79 5.72 -14.28
CA ILE A 214 1.29 4.36 -14.46
C ILE A 214 2.27 4.24 -15.62
N LYS A 215 1.92 4.80 -16.77
CA LYS A 215 2.79 4.73 -17.95
C LYS A 215 4.12 5.42 -17.70
N ARG A 216 4.05 6.55 -17.00
CA ARG A 216 5.24 7.34 -16.71
C ARG A 216 6.20 6.74 -15.68
N HIS A 217 5.66 6.14 -14.62
CA HIS A 217 6.52 5.60 -13.57
C HIS A 217 6.63 4.08 -13.45
N SER A 218 5.70 3.35 -14.07
CA SER A 218 5.75 1.90 -13.96
C SER A 218 5.75 1.15 -15.29
N GLU A 219 6.62 1.57 -16.20
CA GLU A 219 6.74 0.96 -17.52
C GLU A 219 7.21 -0.50 -17.48
N PHE A 220 8.08 -0.83 -16.54
CA PHE A 220 8.63 -2.19 -16.45
C PHE A 220 8.11 -3.01 -15.29
N VAL A 221 6.88 -3.50 -15.42
CA VAL A 221 6.25 -4.32 -14.39
C VAL A 221 5.92 -5.67 -15.04
N ALA A 222 6.36 -6.75 -14.42
CA ALA A 222 6.13 -8.08 -14.96
C ALA A 222 4.74 -8.65 -14.73
N TYR A 223 3.83 -7.85 -14.17
CA TYR A 223 2.48 -8.33 -13.92
C TYR A 223 1.45 -7.41 -14.56
N PRO A 224 0.30 -7.98 -14.96
CA PRO A 224 -0.72 -7.12 -15.57
C PRO A 224 -1.29 -6.15 -14.54
N ILE A 225 -1.44 -4.90 -14.94
CA ILE A 225 -2.01 -3.88 -14.07
C ILE A 225 -3.40 -3.56 -14.61
N GLN A 226 -4.42 -3.99 -13.87
CA GLN A 226 -5.80 -3.78 -14.29
C GLN A 226 -6.42 -2.57 -13.62
N LEU A 227 -7.24 -1.83 -14.38
CA LEU A 227 -7.91 -0.66 -13.86
C LEU A 227 -9.41 -0.94 -13.96
N VAL A 228 -10.11 -0.76 -12.84
CA VAL A 228 -11.55 -1.00 -12.78
C VAL A 228 -12.26 0.33 -12.96
N VAL A 229 -13.03 0.43 -14.05
CA VAL A 229 -13.75 1.65 -14.35
C VAL A 229 -15.26 1.42 -14.35
N THR A 230 -15.99 2.33 -13.72
CA THR A 230 -17.44 2.22 -13.64
C THR A 230 -18.07 3.27 -14.54
N LYS A 231 -18.78 2.83 -15.56
CA LYS A 231 -19.43 3.75 -16.49
C LYS A 231 -20.93 3.51 -16.58
N GLU A 232 -21.68 4.61 -16.68
CA GLU A 232 -23.13 4.51 -16.78
C GLU A 232 -23.46 4.04 -18.20
N VAL A 233 -24.41 3.13 -18.33
CA VAL A 233 -24.77 2.62 -19.64
C VAL A 233 -25.48 3.67 -20.50
N GLU A 234 -25.11 3.68 -21.78
CA GLU A 234 -25.60 4.64 -22.77
C GLU A 234 -27.02 4.52 -23.30
#